data_7JOU
#
_entry.id   7JOU
#
_cell.length_a   166.845
_cell.length_b   166.845
_cell.length_c   64.992
_cell.angle_alpha   90.00
_cell.angle_beta   90.00
_cell.angle_gamma   90.00
#
_symmetry.space_group_name_H-M   'P 43 21 2'
#
loop_
_entity.id
_entity.type
_entity.pdbx_description
1 polymer 'Rho-associated protein kinase 1'
2 non-polymer N-[(1S)-2-hydroxy-1-phenylethyl]-3-methoxy-4-(1H-pyrazol-4-yl)benzamide
3 water water
#
_entity_poly.entity_id   1
_entity_poly.type   'polypeptide(L)'
_entity_poly.pdbx_seq_one_letter_code
;GHMSFETRFEKMDNLLRDPKSEVNSDCLLDGLDALVYDLDFPALRKNKNIDNFLSRYKDTINKIRDLRMKAEDYEVVKVI
GRGAFGEVQLVRHKSTRKVYAMKLLSKFEMIKRSDSAFFWEERDIMAFANSPWVVQLFYAFQDDRYLYMVMEYMPGGDLV
NLMSNYDVPEKWARFYTAEVVLALDAIHSMGFIHRDVKPDNMLLDKSGHLKLADFGTCMKMNKEGMVRCDTAVGTPDYIS
PEVLKSQGGDGYYGRECDWWSVGVFLYEMLVGDTPFYADSLVGTYSKIMNHKNSLTFPDDNDISKEAKNLICAFLTDREV
RLGRNGVEEIKRHLFFKNDQWAWETLRDTVAPVVPDLSSDIDTSNFDDLEEDKGEEETFPIPKAFVGNQLPFVGFTYYSN
RRYLSSANPNDNR
;
_entity_poly.pdbx_strand_id   A
#
# COMPACT_ATOMS: atom_id res chain seq x y z
N THR A 7 4.54 -37.30 -13.36
CA THR A 7 3.95 -37.78 -12.12
C THR A 7 3.46 -36.57 -11.25
N ARG A 8 2.86 -36.86 -10.06
CA ARG A 8 2.38 -35.85 -9.13
C ARG A 8 3.54 -35.02 -8.52
N PHE A 9 4.76 -35.58 -8.50
CA PHE A 9 5.95 -34.86 -8.01
C PHE A 9 6.29 -33.67 -8.94
N GLU A 10 5.96 -33.77 -10.24
CA GLU A 10 6.15 -32.69 -11.20
C GLU A 10 5.21 -31.54 -10.82
N LYS A 11 3.93 -31.87 -10.51
CA LYS A 11 2.96 -30.89 -10.08
C LYS A 11 3.38 -30.22 -8.74
N MET A 12 3.59 -31.01 -7.66
CA MET A 12 4.01 -30.50 -6.35
C MET A 12 5.34 -29.74 -6.38
N ASP A 13 6.09 -29.81 -7.50
CA ASP A 13 7.34 -29.07 -7.64
C ASP A 13 7.10 -27.61 -8.04
N ASN A 14 5.99 -27.32 -8.73
CA ASN A 14 5.65 -25.95 -9.12
C ASN A 14 5.34 -25.17 -7.83
N LEU A 15 4.51 -25.78 -6.95
CA LEU A 15 4.10 -25.24 -5.65
C LEU A 15 5.28 -24.85 -4.76
N LEU A 16 6.38 -25.57 -4.89
CA LEU A 16 7.58 -25.31 -4.11
C LEU A 16 8.41 -24.16 -4.66
N ARG A 17 8.36 -23.95 -5.99
CA ARG A 17 9.15 -22.92 -6.67
C ARG A 17 8.42 -21.57 -6.74
N ASP A 18 7.19 -21.55 -7.35
CA ASP A 18 6.23 -20.46 -7.55
C ASP A 18 6.34 -19.38 -6.47
N PRO A 19 6.87 -18.17 -6.78
CA PRO A 19 6.99 -17.14 -5.71
C PRO A 19 5.65 -16.67 -5.17
N LYS A 20 4.58 -16.88 -5.93
CA LYS A 20 3.24 -16.53 -5.53
C LYS A 20 2.68 -17.52 -4.50
N SER A 21 3.15 -18.79 -4.53
CA SER A 21 2.69 -19.85 -3.63
C SER A 21 3.02 -19.66 -2.14
N GLU A 22 2.00 -19.88 -1.29
CA GLU A 22 2.11 -19.79 0.18
C GLU A 22 2.85 -20.99 0.81
N VAL A 23 3.14 -22.02 0.01
CA VAL A 23 3.88 -23.21 0.39
C VAL A 23 5.15 -23.34 -0.48
N ASN A 24 5.75 -22.21 -0.84
CA ASN A 24 7.02 -22.21 -1.54
C ASN A 24 8.07 -22.33 -0.42
N SER A 25 9.24 -22.84 -0.74
CA SER A 25 10.32 -23.11 0.24
C SER A 25 10.54 -22.00 1.30
N ASP A 26 10.43 -20.71 0.91
CA ASP A 26 10.61 -19.63 1.88
C ASP A 26 9.46 -19.53 2.85
N CYS A 27 8.24 -19.74 2.37
CA CYS A 27 7.06 -19.75 3.22
C CYS A 27 7.12 -20.96 4.14
N LEU A 28 7.52 -22.13 3.59
CA LEU A 28 7.65 -23.37 4.34
C LEU A 28 8.61 -23.21 5.50
N LEU A 29 9.72 -22.54 5.24
CA LEU A 29 10.73 -22.25 6.23
C LEU A 29 10.17 -21.43 7.37
N ASP A 30 9.29 -20.44 7.04
CA ASP A 30 8.62 -19.56 8.00
C ASP A 30 7.85 -20.39 9.00
N GLY A 31 7.13 -21.41 8.52
CA GLY A 31 6.32 -22.31 9.33
C GLY A 31 7.11 -23.01 10.40
N LEU A 32 8.32 -23.43 10.03
CA LEU A 32 9.20 -24.09 10.97
C LEU A 32 9.80 -23.05 11.92
N ASP A 33 10.24 -21.91 11.38
CA ASP A 33 10.78 -20.83 12.19
C ASP A 33 9.74 -20.31 13.21
N ALA A 34 8.45 -20.43 12.88
CA ALA A 34 7.37 -19.99 13.74
C ALA A 34 7.30 -20.92 14.93
N LEU A 35 7.37 -22.25 14.72
CA LEU A 35 7.32 -23.23 15.79
C LEU A 35 8.41 -23.06 16.82
N VAL A 36 9.62 -22.68 16.40
CA VAL A 36 10.69 -22.48 17.36
C VAL A 36 10.43 -21.23 18.20
N TYR A 37 9.98 -20.15 17.55
CA TYR A 37 9.65 -18.91 18.24
C TYR A 37 8.50 -19.15 19.25
N ASP A 38 7.50 -19.92 18.85
CA ASP A 38 6.31 -20.19 19.65
C ASP A 38 6.37 -21.37 20.59
N LEU A 39 7.50 -22.10 20.65
CA LEU A 39 7.59 -23.26 21.55
C LEU A 39 8.76 -23.17 22.51
N ASP A 40 9.76 -22.31 22.25
CA ASP A 40 10.95 -22.23 23.11
C ASP A 40 10.73 -21.46 24.43
N PHE A 41 9.81 -21.94 25.26
CA PHE A 41 9.49 -21.36 26.55
C PHE A 41 9.60 -22.39 27.66
N PRO A 42 10.17 -22.01 28.82
CA PRO A 42 10.32 -22.98 29.93
C PRO A 42 9.04 -23.72 30.29
N ALA A 43 7.92 -23.00 30.36
CA ALA A 43 6.60 -23.56 30.71
C ALA A 43 6.10 -24.60 29.67
N LEU A 44 6.44 -24.40 28.39
CA LEU A 44 6.02 -25.25 27.30
C LEU A 44 6.95 -26.44 27.09
N ARG A 45 8.27 -26.21 27.29
CA ARG A 45 9.33 -27.22 27.14
C ARG A 45 9.10 -28.48 27.98
N LYS A 46 8.28 -28.39 29.05
CA LYS A 46 7.87 -29.50 29.91
C LYS A 46 7.15 -30.61 29.13
N ASN A 47 6.60 -30.32 27.94
CA ASN A 47 5.99 -31.34 27.11
C ASN A 47 7.14 -32.10 26.46
N LYS A 48 7.05 -33.43 26.43
CA LYS A 48 8.11 -34.26 25.85
C LYS A 48 8.28 -33.94 24.35
N ASN A 49 7.17 -34.07 23.56
CA ASN A 49 7.12 -33.80 22.13
C ASN A 49 7.71 -32.44 21.80
N ILE A 50 7.35 -31.40 22.57
CA ILE A 50 7.84 -30.06 22.36
C ILE A 50 9.36 -30.00 22.52
N ASP A 51 9.90 -30.60 23.60
CA ASP A 51 11.34 -30.52 23.83
C ASP A 51 12.18 -31.37 22.89
N ASN A 52 11.65 -32.51 22.45
CA ASN A 52 12.38 -33.40 21.56
C ASN A 52 12.63 -32.71 20.22
N PHE A 53 11.56 -32.08 19.68
CA PHE A 53 11.55 -31.31 18.45
C PHE A 53 12.46 -30.06 18.57
N LEU A 54 12.34 -29.32 19.66
CA LEU A 54 13.15 -28.12 19.89
C LEU A 54 14.63 -28.45 19.93
N SER A 55 14.97 -29.59 20.53
CA SER A 55 16.36 -30.02 20.66
C SER A 55 16.90 -30.40 19.28
N ARG A 56 16.11 -31.21 18.56
CA ARG A 56 16.38 -31.70 17.21
C ARG A 56 16.58 -30.59 16.18
N TYR A 57 15.84 -29.47 16.34
CA TYR A 57 15.84 -28.40 15.34
C TYR A 57 16.48 -27.06 15.74
N LYS A 58 16.55 -26.70 17.03
CA LYS A 58 17.07 -25.39 17.47
C LYS A 58 18.41 -24.99 16.85
N ASP A 59 19.34 -25.93 16.71
CA ASP A 59 20.64 -25.64 16.11
C ASP A 59 20.47 -25.21 14.65
N THR A 60 19.68 -25.98 13.89
CA THR A 60 19.42 -25.78 12.46
C THR A 60 18.73 -24.45 12.17
N ILE A 61 17.59 -24.17 12.85
CA ILE A 61 16.85 -22.93 12.63
C ILE A 61 17.70 -21.73 12.95
N ASN A 62 18.56 -21.80 13.98
CA ASN A 62 19.43 -20.68 14.30
C ASN A 62 20.54 -20.49 13.27
N LYS A 63 20.93 -21.57 12.59
CA LYS A 63 21.90 -21.49 11.51
C LYS A 63 21.21 -20.78 10.34
N ILE A 64 19.94 -21.19 10.03
CA ILE A 64 19.08 -20.62 9.01
C ILE A 64 18.82 -19.12 9.26
N ARG A 65 18.46 -18.76 10.49
CA ARG A 65 18.20 -17.39 10.88
C ARG A 65 19.37 -16.45 10.59
N ASP A 66 20.59 -16.99 10.49
CA ASP A 66 21.76 -16.17 10.20
C ASP A 66 22.12 -16.13 8.72
N LEU A 67 21.50 -16.97 7.89
CA LEU A 67 21.68 -16.95 6.45
C LEU A 67 20.56 -16.08 5.86
N ARG A 68 19.30 -16.36 6.29
CA ARG A 68 18.09 -15.66 5.90
C ARG A 68 18.12 -14.16 6.20
N MET A 69 17.32 -13.39 5.46
CA MET A 69 17.29 -11.95 5.65
C MET A 69 16.73 -11.59 7.01
N LYS A 70 17.46 -10.71 7.67
CA LYS A 70 17.16 -10.22 9.00
C LYS A 70 17.39 -8.71 9.07
N ALA A 71 16.70 -8.05 10.00
CA ALA A 71 16.77 -6.60 10.18
C ALA A 71 18.19 -6.06 10.28
N GLU A 72 19.12 -6.89 10.78
CA GLU A 72 20.52 -6.52 10.97
C GLU A 72 21.30 -6.36 9.66
N ASP A 73 20.73 -6.82 8.51
CA ASP A 73 21.41 -6.68 7.23
C ASP A 73 21.42 -5.25 6.71
N TYR A 74 20.56 -4.36 7.28
CA TYR A 74 20.39 -2.95 6.88
C TYR A 74 20.72 -1.96 7.99
N GLU A 75 21.35 -0.84 7.61
CA GLU A 75 21.64 0.21 8.58
C GLU A 75 20.65 1.38 8.43
N VAL A 76 19.76 1.55 9.44
CA VAL A 76 18.73 2.57 9.52
C VAL A 76 19.31 3.98 9.43
N VAL A 77 18.84 4.78 8.43
CA VAL A 77 19.34 6.13 8.19
C VAL A 77 18.46 7.23 8.81
N LYS A 78 17.13 7.12 8.59
CA LYS A 78 16.11 8.08 9.05
C LYS A 78 14.74 7.43 9.04
N VAL A 79 13.77 7.99 9.77
CA VAL A 79 12.41 7.44 9.76
C VAL A 79 11.56 8.36 8.88
N ILE A 80 11.43 7.99 7.59
CA ILE A 80 10.73 8.83 6.60
C ILE A 80 9.19 8.84 6.73
N GLY A 81 8.63 7.90 7.47
CA GLY A 81 7.18 7.83 7.68
C GLY A 81 6.81 7.08 8.94
N ARG A 82 5.53 7.16 9.37
CA ARG A 82 5.12 6.47 10.60
C ARG A 82 3.60 6.26 10.68
N GLY A 83 3.13 5.76 11.82
CA GLY A 83 1.72 5.57 12.15
C GLY A 83 1.04 4.34 11.60
N ALA A 84 -0.04 3.91 12.29
CA ALA A 84 -0.94 2.79 12.00
C ALA A 84 -0.26 1.43 12.05
N PHE A 85 0.27 1.10 13.25
CA PHE A 85 0.97 -0.14 13.60
C PHE A 85 2.46 -0.10 13.40
N GLY A 86 2.93 0.47 12.31
CA GLY A 86 4.36 0.52 12.02
C GLY A 86 4.93 1.88 11.74
N GLU A 87 6.01 1.91 10.93
CA GLU A 87 6.75 3.09 10.51
C GLU A 87 7.63 2.74 9.29
N VAL A 88 8.06 3.74 8.53
CA VAL A 88 8.89 3.51 7.35
C VAL A 88 10.24 4.19 7.54
N GLN A 89 11.32 3.46 7.28
CA GLN A 89 12.65 3.99 7.47
C GLN A 89 13.44 3.95 6.19
N LEU A 90 14.22 5.00 5.93
CA LEU A 90 15.15 5.01 4.81
C LEU A 90 16.34 4.18 5.35
N VAL A 91 16.68 3.08 4.67
CA VAL A 91 17.76 2.17 5.12
C VAL A 91 18.78 1.90 4.01
N ARG A 92 19.95 1.33 4.36
CA ARG A 92 20.94 0.95 3.37
C ARG A 92 21.38 -0.49 3.59
N HIS A 93 21.50 -1.27 2.52
CA HIS A 93 21.96 -2.64 2.59
C HIS A 93 23.42 -2.61 2.96
N LYS A 94 23.79 -3.21 4.12
CA LYS A 94 25.20 -3.24 4.55
C LYS A 94 26.08 -3.90 3.50
N SER A 95 25.58 -4.98 2.89
CA SER A 95 26.32 -5.70 1.87
C SER A 95 26.44 -4.95 0.52
N THR A 96 25.32 -4.84 -0.26
CA THR A 96 25.29 -4.25 -1.61
C THR A 96 25.40 -2.73 -1.66
N ARG A 97 25.22 -2.05 -0.51
CA ARG A 97 25.29 -0.58 -0.39
C ARG A 97 24.10 0.14 -1.10
N LYS A 98 23.09 -0.64 -1.57
CA LYS A 98 21.88 -0.14 -2.20
C LYS A 98 20.97 0.46 -1.11
N VAL A 99 20.36 1.62 -1.37
CA VAL A 99 19.52 2.29 -0.38
C VAL A 99 18.01 2.12 -0.72
N TYR A 100 17.22 1.66 0.26
CA TYR A 100 15.80 1.39 0.07
C TYR A 100 14.96 2.09 1.14
N ALA A 101 13.64 1.90 1.10
CA ALA A 101 12.70 2.36 2.11
C ALA A 101 12.15 1.07 2.69
N MET A 102 12.22 0.90 4.01
CA MET A 102 11.74 -0.32 4.65
C MET A 102 10.64 -0.06 5.66
N LYS A 103 9.51 -0.75 5.51
CA LYS A 103 8.35 -0.56 6.38
C LYS A 103 8.27 -1.58 7.52
N LEU A 104 8.76 -1.20 8.72
CA LEU A 104 8.69 -2.05 9.92
C LEU A 104 7.21 -2.09 10.43
N LEU A 105 6.66 -3.26 10.78
CA LEU A 105 5.27 -3.37 11.22
C LEU A 105 5.15 -4.19 12.51
N SER A 106 4.77 -3.56 13.63
CA SER A 106 4.67 -4.18 14.97
C SER A 106 3.69 -5.36 15.08
N LYS A 107 4.26 -6.58 15.25
CA LYS A 107 3.52 -7.83 15.43
C LYS A 107 2.74 -7.80 16.75
N PHE A 108 3.31 -7.14 17.79
CA PHE A 108 2.62 -7.03 19.08
C PHE A 108 1.32 -6.24 18.92
N GLU A 109 1.41 -4.98 18.42
CA GLU A 109 0.24 -4.11 18.24
C GLU A 109 -0.74 -4.72 17.24
N MET A 110 -0.23 -5.30 16.16
CA MET A 110 -1.07 -5.94 15.16
C MET A 110 -1.90 -7.06 15.72
N ILE A 111 -1.40 -7.76 16.75
CA ILE A 111 -2.09 -8.87 17.39
C ILE A 111 -3.02 -8.36 18.50
N LYS A 112 -2.48 -7.49 19.37
CA LYS A 112 -3.18 -6.90 20.51
C LYS A 112 -4.47 -6.22 20.07
N ARG A 113 -4.38 -5.33 19.07
CA ARG A 113 -5.55 -4.62 18.55
C ARG A 113 -6.29 -5.47 17.51
N SER A 114 -6.32 -6.82 17.68
CA SER A 114 -6.94 -7.81 16.78
C SER A 114 -6.40 -7.68 15.30
N ASP A 115 -7.16 -8.17 14.25
CA ASP A 115 -6.85 -8.15 12.80
C ASP A 115 -5.33 -8.15 12.40
N SER A 116 -4.88 -9.27 11.82
CA SER A 116 -3.51 -9.44 11.35
C SER A 116 -3.56 -10.09 9.97
N ALA A 117 -4.31 -9.47 9.06
CA ALA A 117 -4.48 -9.97 7.69
C ALA A 117 -4.64 -8.86 6.64
N PHE A 118 -4.37 -7.61 7.01
CA PHE A 118 -4.49 -6.49 6.07
C PHE A 118 -3.31 -6.40 5.13
N PHE A 119 -2.12 -6.74 5.65
CA PHE A 119 -0.85 -6.68 4.97
C PHE A 119 -0.70 -7.66 3.82
N TRP A 120 -1.60 -8.64 3.67
CA TRP A 120 -1.45 -9.62 2.61
C TRP A 120 -1.54 -8.98 1.24
N GLU A 121 -2.58 -8.17 0.99
CA GLU A 121 -2.71 -7.47 -0.30
C GLU A 121 -1.63 -6.41 -0.48
N GLU A 122 -1.19 -5.78 0.63
CA GLU A 122 -0.10 -4.80 0.56
C GLU A 122 1.19 -5.50 0.05
N ARG A 123 1.43 -6.73 0.53
CA ARG A 123 2.55 -7.57 0.11
C ARG A 123 2.41 -8.07 -1.34
N ASP A 124 1.25 -8.65 -1.70
CA ASP A 124 1.06 -9.21 -3.04
C ASP A 124 1.06 -8.17 -4.14
N ILE A 125 0.50 -6.98 -3.86
CA ILE A 125 0.44 -5.93 -4.87
C ILE A 125 1.82 -5.42 -5.15
N MET A 126 2.55 -5.02 -4.11
CA MET A 126 3.90 -4.48 -4.29
C MET A 126 4.90 -5.51 -4.81
N ALA A 127 4.67 -6.80 -4.57
CA ALA A 127 5.59 -7.83 -5.01
C ALA A 127 5.30 -8.24 -6.42
N PHE A 128 4.02 -8.37 -6.79
CA PHE A 128 3.67 -8.93 -8.09
C PHE A 128 2.97 -7.97 -9.03
N ALA A 129 3.09 -6.65 -8.80
CA ALA A 129 2.44 -5.67 -9.67
C ALA A 129 3.11 -5.61 -11.00
N ASN A 130 4.46 -5.61 -11.01
CA ASN A 130 5.25 -5.47 -12.23
C ASN A 130 4.78 -4.27 -13.08
N SER A 131 4.66 -3.11 -12.43
CA SER A 131 4.17 -1.90 -13.09
C SER A 131 4.99 -0.72 -12.65
N PRO A 132 5.29 0.19 -13.57
CA PRO A 132 6.01 1.40 -13.17
C PRO A 132 5.11 2.34 -12.36
N TRP A 133 3.84 2.00 -12.17
CA TRP A 133 2.92 2.81 -11.41
C TRP A 133 2.75 2.36 -9.98
N VAL A 134 3.37 1.25 -9.56
CA VAL A 134 3.26 0.72 -8.21
C VAL A 134 4.64 0.57 -7.55
N VAL A 135 4.77 0.96 -6.27
CA VAL A 135 6.05 0.86 -5.56
C VAL A 135 6.43 -0.60 -5.37
N GLN A 136 7.62 -0.99 -5.86
CA GLN A 136 8.14 -2.35 -5.87
C GLN A 136 8.67 -2.87 -4.53
N LEU A 137 8.17 -4.02 -4.10
CA LEU A 137 8.63 -4.72 -2.91
C LEU A 137 9.67 -5.71 -3.37
N PHE A 138 10.90 -5.54 -2.91
CA PHE A 138 11.97 -6.46 -3.26
C PHE A 138 11.99 -7.70 -2.35
N TYR A 139 11.97 -7.46 -1.03
CA TYR A 139 12.04 -8.55 -0.09
C TYR A 139 11.12 -8.31 1.06
N ALA A 140 10.33 -9.31 1.41
CA ALA A 140 9.50 -9.28 2.60
C ALA A 140 10.11 -10.33 3.56
N PHE A 141 10.44 -9.94 4.77
CA PHE A 141 10.99 -10.84 5.76
C PHE A 141 10.45 -10.55 7.16
N GLN A 142 10.85 -11.29 8.21
CA GLN A 142 10.30 -11.06 9.55
C GLN A 142 11.13 -11.65 10.67
N ASP A 143 11.09 -10.99 11.83
CA ASP A 143 11.69 -11.54 13.03
C ASP A 143 10.57 -11.83 14.05
N ASP A 144 10.90 -12.09 15.33
CA ASP A 144 9.86 -12.37 16.32
C ASP A 144 9.01 -11.15 16.70
N ARG A 145 9.45 -9.94 16.33
CA ARG A 145 8.75 -8.73 16.72
C ARG A 145 8.05 -7.96 15.57
N TYR A 146 8.59 -8.04 14.34
CA TYR A 146 8.07 -7.25 13.23
C TYR A 146 7.94 -7.94 11.86
N LEU A 147 7.07 -7.40 11.00
CA LEU A 147 7.01 -7.77 9.58
C LEU A 147 7.85 -6.69 8.88
N TYR A 148 8.52 -7.06 7.79
CA TYR A 148 9.41 -6.11 7.11
C TYR A 148 9.15 -6.07 5.66
N MET A 149 9.12 -4.85 5.12
CA MET A 149 8.86 -4.66 3.71
C MET A 149 9.88 -3.73 3.10
N VAL A 150 10.79 -4.28 2.33
CA VAL A 150 11.82 -3.51 1.67
C VAL A 150 11.31 -3.12 0.29
N MET A 151 11.12 -1.80 0.09
CA MET A 151 10.60 -1.20 -1.15
C MET A 151 11.57 -0.22 -1.74
N GLU A 152 11.45 0.07 -3.05
CA GLU A 152 12.30 1.07 -3.69
C GLU A 152 11.97 2.45 -3.13
N TYR A 153 13.00 3.20 -2.77
CA TYR A 153 12.80 4.51 -2.17
C TYR A 153 12.30 5.51 -3.20
N MET A 154 11.25 6.26 -2.81
CA MET A 154 10.59 7.29 -3.60
C MET A 154 11.11 8.58 -3.08
N PRO A 155 12.22 9.07 -3.63
CA PRO A 155 12.84 10.28 -3.07
C PRO A 155 12.06 11.57 -3.21
N GLY A 156 11.17 11.64 -4.20
CA GLY A 156 10.36 12.80 -4.49
C GLY A 156 9.33 13.17 -3.42
N GLY A 157 9.07 12.27 -2.50
CA GLY A 157 8.10 12.55 -1.43
C GLY A 157 6.68 12.28 -1.88
N ASP A 158 5.68 12.67 -1.05
CA ASP A 158 4.28 12.40 -1.43
C ASP A 158 3.56 13.65 -1.93
N LEU A 159 2.36 13.42 -2.50
CA LEU A 159 1.51 14.44 -3.07
C LEU A 159 0.90 15.38 -2.02
N VAL A 160 0.88 14.97 -0.73
CA VAL A 160 0.35 15.82 0.33
C VAL A 160 1.22 17.01 0.54
N ASN A 161 2.56 16.79 0.57
CA ASN A 161 3.42 17.93 0.75
C ASN A 161 3.60 18.71 -0.57
N LEU A 162 3.46 18.06 -1.75
CA LEU A 162 3.55 18.82 -3.02
C LEU A 162 2.40 19.85 -3.10
N MET A 163 1.19 19.41 -2.78
CA MET A 163 0.03 20.27 -2.79
C MET A 163 0.19 21.43 -1.81
N SER A 164 0.82 21.16 -0.68
CA SER A 164 1.00 22.15 0.36
C SER A 164 2.18 23.09 0.14
N ASN A 165 3.11 22.74 -0.75
CA ASN A 165 4.27 23.61 -0.98
C ASN A 165 4.18 24.41 -2.28
N TYR A 166 3.17 24.17 -3.12
CA TYR A 166 3.04 24.86 -4.39
C TYR A 166 1.62 25.33 -4.67
N ASP A 167 1.51 26.30 -5.58
CA ASP A 167 0.25 26.82 -6.10
C ASP A 167 0.11 26.01 -7.38
N VAL A 168 -0.47 24.81 -7.26
CA VAL A 168 -0.60 23.82 -8.34
C VAL A 168 -1.46 24.27 -9.52
N PRO A 169 -0.80 24.53 -10.67
CA PRO A 169 -1.53 24.92 -11.86
C PRO A 169 -2.23 23.74 -12.55
N GLU A 170 -3.18 24.06 -13.42
CA GLU A 170 -3.92 23.07 -14.17
C GLU A 170 -3.07 22.11 -14.95
N LYS A 171 -1.96 22.62 -15.52
CA LYS A 171 -0.98 21.83 -16.28
C LYS A 171 -0.50 20.62 -15.43
N TRP A 172 -0.27 20.87 -14.14
CA TRP A 172 0.17 19.89 -13.17
C TRP A 172 -0.88 18.90 -12.80
N ALA A 173 -2.10 19.38 -12.49
CA ALA A 173 -3.23 18.52 -12.17
C ALA A 173 -3.55 17.59 -13.33
N ARG A 174 -3.40 18.08 -14.58
CA ARG A 174 -3.62 17.29 -15.80
C ARG A 174 -2.71 16.05 -15.78
N PHE A 175 -1.41 16.26 -15.46
CA PHE A 175 -0.38 15.24 -15.36
C PHE A 175 -0.59 14.28 -14.19
N TYR A 176 -0.64 14.79 -12.95
CA TYR A 176 -0.80 13.99 -11.74
C TYR A 176 -2.05 13.14 -11.79
N THR A 177 -3.18 13.70 -12.27
CA THR A 177 -4.43 12.94 -12.42
C THR A 177 -4.25 11.84 -13.45
N ALA A 178 -3.59 12.15 -14.57
CA ALA A 178 -3.34 11.17 -15.62
C ALA A 178 -2.56 9.94 -15.05
N GLU A 179 -1.43 10.20 -14.36
CA GLU A 179 -0.62 9.18 -13.73
C GLU A 179 -1.40 8.41 -12.68
N VAL A 180 -2.24 9.09 -11.86
CA VAL A 180 -3.11 8.41 -10.90
C VAL A 180 -4.07 7.47 -11.64
N VAL A 181 -4.64 7.91 -12.76
CA VAL A 181 -5.53 7.10 -13.56
C VAL A 181 -4.81 5.83 -14.07
N LEU A 182 -3.57 5.97 -14.57
CA LEU A 182 -2.83 4.81 -15.04
C LEU A 182 -2.44 3.88 -13.91
N ALA A 183 -1.91 4.43 -12.83
CA ALA A 183 -1.51 3.68 -11.65
C ALA A 183 -2.69 2.95 -11.02
N LEU A 184 -3.84 3.62 -10.96
CA LEU A 184 -5.03 3.02 -10.38
C LEU A 184 -5.56 1.94 -11.27
N ASP A 185 -5.42 2.08 -12.59
CA ASP A 185 -5.86 1.05 -13.53
C ASP A 185 -5.03 -0.22 -13.36
N ALA A 186 -3.71 -0.08 -13.11
CA ALA A 186 -2.83 -1.23 -12.89
C ALA A 186 -3.35 -2.10 -11.72
N ILE A 187 -3.80 -1.47 -10.63
CA ILE A 187 -4.36 -2.18 -9.49
C ILE A 187 -5.68 -2.87 -9.84
N HIS A 188 -6.48 -2.26 -10.70
CA HIS A 188 -7.73 -2.83 -11.16
C HIS A 188 -7.46 -4.05 -11.99
N SER A 189 -6.43 -4.01 -12.86
CA SER A 189 -6.02 -5.14 -13.69
C SER A 189 -5.65 -6.32 -12.80
N MET A 190 -4.94 -6.05 -11.70
CA MET A 190 -4.57 -7.06 -10.72
C MET A 190 -5.75 -7.64 -9.93
N GLY A 191 -6.98 -7.25 -10.24
CA GLY A 191 -8.16 -7.73 -9.54
C GLY A 191 -8.35 -7.13 -8.16
N PHE A 192 -7.76 -5.95 -7.91
CA PHE A 192 -7.91 -5.30 -6.61
C PHE A 192 -8.66 -4.01 -6.68
N ILE A 193 -9.37 -3.66 -5.59
CA ILE A 193 -10.06 -2.40 -5.46
C ILE A 193 -9.56 -1.72 -4.16
N HIS A 194 -8.84 -0.56 -4.31
CA HIS A 194 -8.21 0.21 -3.24
C HIS A 194 -9.09 0.54 -2.06
N ARG A 195 -10.39 0.84 -2.30
CA ARG A 195 -11.34 1.21 -1.23
C ARG A 195 -10.89 2.44 -0.38
N ASP A 196 -9.89 3.22 -0.91
CA ASP A 196 -9.29 4.37 -0.24
C ASP A 196 -8.06 4.86 -1.05
N VAL A 197 -8.24 5.78 -2.01
CA VAL A 197 -7.11 6.33 -2.77
C VAL A 197 -6.86 7.74 -2.21
N LYS A 198 -5.61 8.11 -1.90
CA LYS A 198 -5.33 9.40 -1.27
C LYS A 198 -4.02 10.01 -1.76
N PRO A 199 -3.82 11.33 -1.62
CA PRO A 199 -2.52 11.92 -1.93
C PRO A 199 -1.38 11.41 -1.04
N ASP A 200 -1.73 10.79 0.13
CA ASP A 200 -0.77 10.17 1.04
C ASP A 200 -0.15 8.97 0.30
N ASN A 201 -0.97 8.17 -0.42
CA ASN A 201 -0.48 7.00 -1.15
C ASN A 201 0.19 7.31 -2.48
N MET A 202 0.29 8.59 -2.85
CA MET A 202 0.87 8.98 -4.12
C MET A 202 2.29 9.46 -3.89
N LEU A 203 3.27 8.68 -4.34
CA LEU A 203 4.68 9.01 -4.14
C LEU A 203 5.38 9.27 -5.45
N LEU A 204 6.45 10.06 -5.38
CA LEU A 204 7.18 10.42 -6.56
C LEU A 204 8.55 9.84 -6.60
N ASP A 205 8.90 9.22 -7.73
CA ASP A 205 10.20 8.64 -7.97
C ASP A 205 11.31 9.72 -8.14
N LYS A 206 12.57 9.30 -8.43
CA LYS A 206 13.70 10.23 -8.56
C LYS A 206 13.51 11.28 -9.69
N SER A 207 12.73 10.92 -10.72
CA SER A 207 12.46 11.79 -11.85
C SER A 207 11.15 12.63 -11.70
N GLY A 208 10.48 12.50 -10.56
CA GLY A 208 9.25 13.25 -10.27
C GLY A 208 7.94 12.61 -10.72
N HIS A 209 8.01 11.33 -11.14
CA HIS A 209 6.87 10.59 -11.61
C HIS A 209 6.18 9.81 -10.52
N LEU A 210 4.87 9.65 -10.66
CA LEU A 210 4.03 9.01 -9.66
C LEU A 210 4.12 7.49 -9.61
N LYS A 211 3.88 6.94 -8.44
CA LYS A 211 3.79 5.53 -8.11
C LYS A 211 2.88 5.41 -6.88
N LEU A 212 2.01 4.41 -6.85
CA LEU A 212 1.13 4.19 -5.70
C LEU A 212 1.79 3.31 -4.65
N ALA A 213 1.46 3.53 -3.38
CA ALA A 213 2.00 2.78 -2.26
C ALA A 213 0.91 2.55 -1.17
N ASP A 214 1.21 1.76 -0.07
CA ASP A 214 0.31 1.53 1.08
C ASP A 214 -1.03 0.97 0.67
N PHE A 215 -1.12 -0.33 0.50
CA PHE A 215 -2.36 -0.95 0.05
C PHE A 215 -3.05 -1.79 1.12
N GLY A 216 -3.09 -1.29 2.35
CA GLY A 216 -3.71 -2.01 3.45
C GLY A 216 -5.21 -2.16 3.33
N THR A 217 -5.84 -1.18 2.66
CA THR A 217 -7.27 -1.04 2.41
C THR A 217 -7.83 -1.79 1.16
N CYS A 218 -7.10 -2.78 0.61
CA CYS A 218 -7.50 -3.49 -0.61
C CYS A 218 -8.34 -4.76 -0.40
N MET A 219 -8.82 -5.37 -1.51
CA MET A 219 -9.61 -6.60 -1.54
C MET A 219 -9.65 -7.17 -2.97
N LYS A 220 -9.66 -8.50 -3.13
CA LYS A 220 -9.74 -9.11 -4.45
C LYS A 220 -11.21 -9.27 -4.87
N MET A 221 -11.59 -8.65 -6.00
CA MET A 221 -12.96 -8.67 -6.51
C MET A 221 -13.41 -10.02 -7.07
N ASN A 222 -14.66 -10.44 -6.73
CA ASN A 222 -15.27 -11.69 -7.20
C ASN A 222 -15.38 -11.76 -8.74
N LYS A 223 -15.65 -12.95 -9.31
CA LYS A 223 -15.76 -13.13 -10.78
C LYS A 223 -16.82 -12.23 -11.45
N GLU A 224 -17.79 -11.74 -10.65
CA GLU A 224 -18.84 -10.81 -11.09
C GLU A 224 -18.26 -9.40 -11.34
N GLY A 225 -17.23 -9.03 -10.58
CA GLY A 225 -16.57 -7.73 -10.68
C GLY A 225 -17.00 -6.81 -9.56
N MET A 226 -16.96 -7.33 -8.32
CA MET A 226 -17.38 -6.57 -7.15
C MET A 226 -16.72 -7.08 -5.87
N VAL A 227 -16.47 -6.20 -4.89
CA VAL A 227 -15.86 -6.60 -3.63
C VAL A 227 -16.92 -6.56 -2.53
N ARG A 228 -17.91 -7.47 -2.62
CA ARG A 228 -19.07 -7.64 -1.72
C ARG A 228 -18.75 -7.45 -0.23
N CYS A 229 -18.91 -6.22 0.27
CA CYS A 229 -18.61 -5.92 1.65
C CYS A 229 -19.75 -5.17 2.34
N ASP A 230 -19.94 -5.43 3.64
CA ASP A 230 -20.96 -4.76 4.45
C ASP A 230 -20.31 -4.00 5.63
N THR A 231 -19.10 -3.42 5.39
CA THR A 231 -18.33 -2.65 6.37
C THR A 231 -17.84 -1.31 5.76
N ALA A 232 -17.68 -0.27 6.61
CA ALA A 232 -17.25 1.06 6.18
C ALA A 232 -15.73 1.30 6.36
N VAL A 233 -14.92 0.70 5.46
CA VAL A 233 -13.46 0.82 5.49
C VAL A 233 -12.94 1.90 4.53
N GLY A 234 -12.48 3.02 5.09
CA GLY A 234 -11.96 4.15 4.32
C GLY A 234 -12.03 5.48 5.05
N THR A 235 -11.48 6.54 4.44
CA THR A 235 -11.48 7.88 5.04
C THR A 235 -12.85 8.56 4.82
N PRO A 236 -13.34 9.37 5.79
CA PRO A 236 -14.70 9.95 5.66
C PRO A 236 -14.91 11.01 4.57
N ASP A 237 -13.87 11.41 3.83
CA ASP A 237 -14.02 12.40 2.77
C ASP A 237 -13.93 11.76 1.38
N TYR A 238 -13.08 10.73 1.24
CA TYR A 238 -12.92 9.98 -0.01
C TYR A 238 -13.90 8.79 -0.12
N ILE A 239 -14.96 8.76 0.70
CA ILE A 239 -15.97 7.69 0.66
C ILE A 239 -17.05 7.96 -0.39
N SER A 240 -17.38 6.94 -1.20
CA SER A 240 -18.40 7.01 -2.26
C SER A 240 -19.80 6.83 -1.66
N PRO A 241 -20.87 7.42 -2.24
CA PRO A 241 -22.23 7.17 -1.70
C PRO A 241 -22.68 5.71 -1.89
N GLU A 242 -22.07 4.99 -2.86
CA GLU A 242 -22.31 3.58 -3.16
C GLU A 242 -21.89 2.69 -1.97
N VAL A 243 -20.65 2.86 -1.48
CA VAL A 243 -20.12 2.07 -0.36
C VAL A 243 -20.35 2.75 1.01
N LEU A 244 -21.36 3.63 1.10
CA LEU A 244 -21.70 4.31 2.36
C LEU A 244 -23.14 3.98 2.74
N LYS A 245 -24.07 3.98 1.76
CA LYS A 245 -25.47 3.67 1.98
C LYS A 245 -25.69 2.17 2.26
N SER A 246 -24.87 1.31 1.67
CA SER A 246 -24.96 -0.14 1.88
C SER A 246 -23.67 -0.69 2.54
N GLN A 247 -23.24 -0.04 3.64
CA GLN A 247 -22.06 -0.40 4.43
C GLN A 247 -22.48 -0.80 5.86
N GLY A 248 -23.49 -1.66 5.92
CA GLY A 248 -24.10 -2.13 7.16
C GLY A 248 -25.60 -2.35 6.97
N GLY A 249 -25.95 -2.90 5.81
CA GLY A 249 -27.33 -3.17 5.42
C GLY A 249 -27.43 -3.72 4.01
N ASP A 250 -26.79 -4.88 3.77
CA ASP A 250 -26.74 -5.60 2.48
C ASP A 250 -26.13 -4.78 1.33
N GLY A 251 -24.90 -5.12 0.94
CA GLY A 251 -24.22 -4.40 -0.15
C GLY A 251 -23.03 -5.12 -0.76
N TYR A 252 -22.61 -4.67 -1.95
CA TYR A 252 -21.45 -5.23 -2.67
C TYR A 252 -20.77 -4.18 -3.57
N TYR A 253 -19.82 -3.39 -3.00
CA TYR A 253 -19.04 -2.32 -3.68
C TYR A 253 -18.34 -2.77 -4.99
N GLY A 254 -17.85 -1.82 -5.79
CA GLY A 254 -17.19 -2.13 -7.06
C GLY A 254 -16.04 -1.24 -7.50
N ARG A 255 -15.68 -1.30 -8.80
CA ARG A 255 -14.58 -0.51 -9.40
C ARG A 255 -14.89 0.99 -9.42
N GLU A 256 -16.19 1.32 -9.59
CA GLU A 256 -16.74 2.68 -9.67
C GLU A 256 -16.31 3.56 -8.50
N CYS A 257 -16.47 3.07 -7.24
CA CYS A 257 -16.14 3.75 -5.99
C CYS A 257 -14.68 4.21 -5.91
N ASP A 258 -13.78 3.53 -6.62
CA ASP A 258 -12.37 3.89 -6.63
C ASP A 258 -12.16 5.15 -7.44
N TRP A 259 -12.82 5.25 -8.60
CA TRP A 259 -12.73 6.43 -9.45
C TRP A 259 -13.30 7.69 -8.80
N TRP A 260 -14.23 7.56 -7.85
CA TRP A 260 -14.78 8.69 -7.11
C TRP A 260 -13.64 9.45 -6.40
N SER A 261 -12.70 8.71 -5.82
CA SER A 261 -11.54 9.27 -5.16
C SER A 261 -10.64 10.08 -6.05
N VAL A 262 -10.54 9.71 -7.33
CA VAL A 262 -9.75 10.51 -8.29
C VAL A 262 -10.40 11.87 -8.50
N GLY A 263 -11.72 11.92 -8.48
CA GLY A 263 -12.50 13.15 -8.57
C GLY A 263 -12.28 14.01 -7.35
N VAL A 264 -12.15 13.39 -6.17
CA VAL A 264 -11.86 14.14 -4.94
C VAL A 264 -10.46 14.71 -5.04
N PHE A 265 -9.50 13.90 -5.48
CA PHE A 265 -8.13 14.34 -5.66
C PHE A 265 -8.02 15.55 -6.59
N LEU A 266 -8.52 15.46 -7.82
CA LEU A 266 -8.47 16.56 -8.78
C LEU A 266 -9.18 17.80 -8.24
N TYR A 267 -10.29 17.60 -7.50
CA TYR A 267 -11.02 18.70 -6.88
C TYR A 267 -10.13 19.40 -5.87
N GLU A 268 -9.46 18.65 -4.97
CA GLU A 268 -8.57 19.17 -3.93
C GLU A 268 -7.40 19.92 -4.56
N MET A 269 -6.84 19.37 -5.65
CA MET A 269 -5.71 19.97 -6.31
C MET A 269 -6.01 21.38 -6.80
N LEU A 270 -7.22 21.59 -7.33
CA LEU A 270 -7.62 22.86 -7.92
C LEU A 270 -8.43 23.78 -7.01
N VAL A 271 -9.08 23.23 -6.00
CA VAL A 271 -9.91 24.03 -5.10
C VAL A 271 -9.16 24.35 -3.78
N GLY A 272 -8.21 23.53 -3.37
CA GLY A 272 -7.51 23.77 -2.12
C GLY A 272 -8.27 23.33 -0.89
N ASP A 273 -9.28 22.52 -1.09
CA ASP A 273 -10.07 21.91 -0.04
C ASP A 273 -10.85 20.72 -0.62
N THR A 274 -11.47 19.99 0.27
CA THR A 274 -12.25 18.82 0.04
C THR A 274 -13.67 19.22 -0.43
N PRO A 275 -14.30 18.39 -1.27
CA PRO A 275 -15.63 18.75 -1.79
C PRO A 275 -16.77 18.62 -0.77
N PHE A 276 -16.63 17.64 0.12
CA PHE A 276 -17.68 17.41 1.15
C PHE A 276 -17.02 17.36 2.52
N TYR A 277 -17.60 18.06 3.49
CA TYR A 277 -16.91 18.31 4.79
C TYR A 277 -17.95 18.42 5.90
N THR A 284 -22.14 14.06 11.12
CA THR A 284 -20.88 14.77 10.77
C THR A 284 -20.09 13.94 9.77
N TYR A 285 -20.79 13.39 8.77
CA TYR A 285 -20.16 12.56 7.71
C TYR A 285 -21.14 12.40 6.54
N SER A 286 -21.86 13.47 6.20
CA SER A 286 -22.85 13.38 5.10
C SER A 286 -22.40 14.20 3.89
N LYS A 287 -23.33 14.99 3.36
CA LYS A 287 -23.23 15.82 2.16
C LYS A 287 -22.82 14.98 0.93
N ILE A 288 -22.13 13.84 1.16
CA ILE A 288 -21.75 12.88 0.13
C ILE A 288 -23.00 12.15 -0.40
N MET A 289 -24.03 11.94 0.45
CA MET A 289 -25.30 11.34 0.03
C MET A 289 -26.00 12.31 -0.95
N ASN A 290 -26.02 13.61 -0.59
CA ASN A 290 -26.62 14.69 -1.36
C ASN A 290 -25.69 15.23 -2.50
N HIS A 291 -24.57 14.54 -2.72
CA HIS A 291 -23.50 14.82 -3.72
C HIS A 291 -23.89 15.76 -4.88
N LYS A 292 -25.08 15.61 -5.47
CA LYS A 292 -25.60 16.58 -6.47
C LYS A 292 -25.72 17.97 -5.83
N ASN A 293 -26.79 18.18 -5.07
CA ASN A 293 -26.99 19.41 -4.27
C ASN A 293 -25.69 20.06 -3.70
N SER A 294 -24.96 19.40 -2.76
CA SER A 294 -23.80 19.99 -2.09
C SER A 294 -22.53 20.28 -2.95
N LEU A 295 -22.36 19.69 -4.16
CA LEU A 295 -21.17 19.95 -4.98
C LEU A 295 -21.16 21.36 -5.59
N THR A 296 -20.22 22.19 -5.13
CA THR A 296 -20.07 23.58 -5.54
C THR A 296 -18.61 23.97 -5.69
N PHE A 297 -18.34 24.85 -6.63
CA PHE A 297 -17.00 25.37 -6.82
C PHE A 297 -16.97 26.80 -6.30
N PRO A 298 -15.84 27.23 -5.71
CA PRO A 298 -15.76 28.60 -5.17
C PRO A 298 -15.89 29.71 -6.22
N ASP A 299 -17.10 30.30 -6.33
CA ASP A 299 -17.36 31.35 -7.33
C ASP A 299 -16.76 32.72 -6.96
N ASP A 300 -15.99 33.36 -7.86
CA ASP A 300 -15.60 32.70 -9.09
C ASP A 300 -14.13 32.40 -9.11
N ASN A 301 -13.89 31.19 -9.52
CA ASN A 301 -12.65 30.47 -9.67
C ASN A 301 -12.06 30.66 -11.07
N ASP A 302 -10.80 30.34 -11.17
CA ASP A 302 -10.03 30.30 -12.41
C ASP A 302 -10.06 28.86 -13.03
N ILE A 303 -10.80 27.90 -12.39
CA ILE A 303 -10.86 26.50 -12.78
C ILE A 303 -11.49 26.38 -14.12
N SER A 304 -10.85 25.69 -15.06
CA SER A 304 -11.40 25.56 -16.41
C SER A 304 -12.68 24.75 -16.43
N LYS A 305 -13.50 24.92 -17.50
CA LYS A 305 -14.74 24.17 -17.65
C LYS A 305 -14.47 22.68 -17.80
N GLU A 306 -13.35 22.28 -18.42
CA GLU A 306 -13.05 20.87 -18.55
C GLU A 306 -12.57 20.27 -17.26
N ALA A 307 -11.91 21.05 -16.39
CA ALA A 307 -11.49 20.53 -15.09
C ALA A 307 -12.73 20.24 -14.25
N LYS A 308 -13.71 21.16 -14.25
CA LYS A 308 -14.98 21.01 -13.56
C LYS A 308 -15.82 19.89 -14.16
N ASN A 309 -15.79 19.75 -15.49
CA ASN A 309 -16.52 18.70 -16.18
C ASN A 309 -16.10 17.32 -15.69
N LEU A 310 -14.79 17.05 -15.66
CA LEU A 310 -14.24 15.78 -15.23
C LEU A 310 -14.50 15.54 -13.76
N ILE A 311 -14.38 16.61 -12.93
CA ILE A 311 -14.66 16.49 -11.51
C ILE A 311 -16.08 15.98 -11.25
N CYS A 312 -17.05 16.56 -11.94
CA CYS A 312 -18.43 16.12 -11.80
C CYS A 312 -18.64 14.74 -12.36
N ALA A 313 -17.98 14.43 -13.49
CA ALA A 313 -18.04 13.10 -14.11
C ALA A 313 -17.67 11.98 -13.11
N PHE A 314 -16.76 12.28 -12.19
CA PHE A 314 -16.33 11.35 -11.16
C PHE A 314 -17.19 11.46 -9.92
N LEU A 315 -17.52 12.67 -9.48
CA LEU A 315 -18.29 12.85 -8.26
C LEU A 315 -19.79 12.87 -8.52
N THR A 316 -20.28 11.71 -8.93
CA THR A 316 -21.69 11.48 -9.23
C THR A 316 -22.08 10.05 -8.80
N ASP A 317 -23.41 9.76 -8.69
CA ASP A 317 -23.90 8.45 -8.25
C ASP A 317 -23.45 7.31 -9.19
N ARG A 318 -23.00 6.20 -8.55
CA ARG A 318 -22.43 4.97 -9.12
C ARG A 318 -22.90 4.64 -10.56
N GLU A 319 -24.23 4.45 -10.73
CA GLU A 319 -24.97 4.08 -11.94
C GLU A 319 -24.58 4.83 -13.21
N VAL A 320 -24.26 6.13 -13.12
CA VAL A 320 -23.88 6.90 -14.29
C VAL A 320 -22.38 7.32 -14.28
N ARG A 321 -21.74 7.31 -13.07
CA ARG A 321 -20.34 7.69 -12.82
C ARG A 321 -19.35 7.18 -13.85
N LEU A 322 -18.44 8.08 -14.28
CA LEU A 322 -17.38 7.82 -15.26
C LEU A 322 -16.46 6.76 -14.74
N GLY A 323 -16.09 5.80 -15.60
CA GLY A 323 -15.24 4.70 -15.21
C GLY A 323 -15.98 3.37 -15.12
N ARG A 324 -17.34 3.40 -15.18
CA ARG A 324 -18.20 2.22 -15.17
C ARG A 324 -18.01 1.43 -16.48
N ASN A 325 -17.89 2.16 -17.61
CA ASN A 325 -17.66 1.54 -18.91
C ASN A 325 -16.14 1.55 -19.31
N GLY A 326 -15.29 1.15 -18.36
CA GLY A 326 -13.86 1.04 -18.57
C GLY A 326 -12.97 2.25 -18.29
N VAL A 327 -11.69 2.11 -18.60
CA VAL A 327 -10.61 3.09 -18.41
C VAL A 327 -10.59 4.07 -19.56
N GLU A 328 -10.83 3.58 -20.78
CA GLU A 328 -10.76 4.42 -21.98
C GLU A 328 -11.72 5.59 -21.95
N GLU A 329 -12.85 5.44 -21.24
CA GLU A 329 -13.85 6.47 -21.04
C GLU A 329 -13.18 7.71 -20.42
N ILE A 330 -12.34 7.48 -19.39
CA ILE A 330 -11.60 8.50 -18.65
C ILE A 330 -10.48 9.05 -19.52
N LYS A 331 -9.67 8.16 -20.12
CA LYS A 331 -8.54 8.54 -20.97
C LYS A 331 -8.97 9.47 -22.10
N ARG A 332 -10.19 9.27 -22.61
CA ARG A 332 -10.78 10.05 -23.70
C ARG A 332 -11.25 11.46 -23.31
N HIS A 333 -11.37 11.80 -21.99
CA HIS A 333 -11.87 13.12 -21.57
C HIS A 333 -10.97 14.23 -22.07
N LEU A 334 -11.62 15.32 -22.53
CA LEU A 334 -11.00 16.53 -23.08
C LEU A 334 -10.04 17.20 -22.11
N PHE A 335 -10.26 17.05 -20.79
CA PHE A 335 -9.37 17.56 -19.75
C PHE A 335 -7.95 17.04 -19.97
N PHE A 336 -7.79 15.80 -20.44
CA PHE A 336 -6.47 15.23 -20.67
C PHE A 336 -5.85 15.68 -21.98
N LYS A 337 -6.65 16.21 -22.95
CA LYS A 337 -6.09 16.67 -24.22
C LYS A 337 -5.03 17.75 -24.03
N ASN A 338 -3.81 17.40 -24.42
CA ASN A 338 -2.68 18.28 -24.28
C ASN A 338 -1.66 18.07 -25.41
N ASP A 339 -0.88 19.12 -25.69
CA ASP A 339 0.11 19.07 -26.74
C ASP A 339 1.45 18.42 -26.33
N GLN A 340 1.76 18.42 -25.00
CA GLN A 340 3.00 17.92 -24.38
C GLN A 340 3.20 16.38 -24.27
N TRP A 341 2.17 15.58 -23.91
CA TRP A 341 2.34 14.12 -23.77
C TRP A 341 1.12 13.31 -24.26
N ALA A 342 1.28 11.98 -24.36
CA ALA A 342 0.19 11.07 -24.70
C ALA A 342 0.16 9.94 -23.70
N TRP A 343 -1.00 9.33 -23.49
CA TRP A 343 -1.14 8.24 -22.52
C TRP A 343 -0.05 7.15 -22.57
N GLU A 344 0.33 6.77 -23.77
CA GLU A 344 1.33 5.73 -24.05
C GLU A 344 2.76 6.15 -23.70
N THR A 345 3.05 7.44 -23.79
CA THR A 345 4.39 7.95 -23.49
C THR A 345 4.39 8.94 -22.31
N LEU A 346 3.37 8.88 -21.43
CA LEU A 346 3.22 9.81 -20.32
C LEU A 346 4.39 9.74 -19.36
N ARG A 347 4.79 8.53 -18.98
CA ARG A 347 5.90 8.32 -18.05
C ARG A 347 7.28 8.68 -18.63
N ASP A 348 7.36 8.94 -19.93
CA ASP A 348 8.60 9.34 -20.58
C ASP A 348 8.77 10.87 -20.65
N THR A 349 7.74 11.66 -20.28
CA THR A 349 7.86 13.12 -20.36
C THR A 349 8.45 13.70 -19.06
N VAL A 350 8.94 14.93 -19.12
CA VAL A 350 9.52 15.59 -17.96
C VAL A 350 8.43 15.97 -17.01
N ALA A 351 8.52 15.52 -15.76
CA ALA A 351 7.52 15.79 -14.72
C ALA A 351 7.48 17.27 -14.22
N PRO A 352 6.31 17.75 -13.75
CA PRO A 352 6.18 19.13 -13.27
C PRO A 352 7.15 19.51 -12.17
N VAL A 353 7.45 18.56 -11.27
CA VAL A 353 8.38 18.80 -10.18
C VAL A 353 9.32 17.64 -10.13
N VAL A 354 10.57 17.86 -10.56
CA VAL A 354 11.65 16.87 -10.57
C VAL A 354 12.54 17.20 -9.39
N PRO A 355 12.64 16.26 -8.42
CA PRO A 355 13.42 16.57 -7.23
C PRO A 355 14.91 16.72 -7.47
N ASP A 356 15.40 17.91 -7.12
CA ASP A 356 16.82 18.26 -7.19
C ASP A 356 17.38 17.71 -5.88
N LEU A 357 17.89 16.48 -5.90
CA LEU A 357 18.40 15.84 -4.70
C LEU A 357 19.90 15.93 -4.58
N SER A 358 20.42 15.87 -3.34
CA SER A 358 21.86 15.95 -3.08
C SER A 358 22.54 14.56 -3.04
N SER A 359 22.15 13.71 -2.08
CA SER A 359 22.74 12.40 -1.83
C SER A 359 21.73 11.26 -2.06
N ASP A 360 22.23 10.01 -2.19
CA ASP A 360 21.33 8.85 -2.30
C ASP A 360 20.53 8.61 -0.98
N ILE A 361 20.71 9.46 0.05
CA ILE A 361 20.01 9.35 1.32
C ILE A 361 19.35 10.66 1.77
N ASP A 362 19.02 11.52 0.79
CA ASP A 362 18.38 12.83 0.94
C ASP A 362 16.88 12.64 1.26
N THR A 363 16.41 13.19 2.37
CA THR A 363 15.00 13.09 2.75
C THR A 363 14.34 14.46 2.87
N SER A 364 14.78 15.43 2.04
CA SER A 364 14.26 16.78 2.13
C SER A 364 12.78 16.86 1.81
N ASN A 365 12.31 16.01 0.87
CA ASN A 365 10.88 15.96 0.49
C ASN A 365 10.02 15.14 1.44
N PHE A 366 10.55 14.83 2.63
CA PHE A 366 9.87 14.07 3.65
C PHE A 366 9.88 14.84 4.94
N ASP A 367 8.73 14.84 5.64
CA ASP A 367 8.60 15.49 6.95
C ASP A 367 9.61 14.85 7.93
N ASP A 368 10.18 15.68 8.81
CA ASP A 368 11.15 15.18 9.76
C ASP A 368 10.47 14.56 10.99
N LEU A 369 10.39 13.23 10.99
CA LEU A 369 9.87 12.46 12.11
C LEU A 369 11.10 11.93 12.79
N GLU A 370 11.39 12.38 14.02
CA GLU A 370 12.56 11.99 14.81
C GLU A 370 12.90 10.47 14.74
N GLU A 371 14.18 10.11 14.94
CA GLU A 371 14.62 8.71 14.91
C GLU A 371 14.09 7.93 16.13
N ASP A 372 12.86 7.41 16.01
CA ASP A 372 12.06 6.64 16.98
C ASP A 372 12.26 7.11 18.45
N LYS A 373 13.27 6.56 19.20
CA LYS A 373 13.59 6.88 20.60
C LYS A 373 12.44 6.52 21.56
N GLY A 374 12.26 5.22 21.79
CA GLY A 374 11.22 4.71 22.68
C GLY A 374 11.47 3.33 23.26
N GLU A 375 10.42 2.72 23.81
CA GLU A 375 10.49 1.39 24.43
C GLU A 375 9.75 0.34 23.61
N GLU A 376 10.48 -0.61 23.01
CA GLU A 376 9.84 -1.65 22.20
C GLU A 376 8.92 -2.57 23.03
N GLU A 377 7.59 -2.34 22.97
CA GLU A 377 6.58 -3.13 23.70
C GLU A 377 6.50 -4.53 23.10
N THR A 378 6.49 -5.58 23.93
CA THR A 378 6.49 -6.97 23.46
C THR A 378 5.35 -7.85 24.03
N PHE A 379 5.13 -9.02 23.39
CA PHE A 379 4.16 -10.02 23.84
C PHE A 379 4.71 -10.72 25.11
N PRO A 380 3.83 -11.29 25.95
CA PRO A 380 4.31 -11.91 27.20
C PRO A 380 4.71 -13.39 27.07
N ILE A 381 5.58 -13.88 27.99
CA ILE A 381 5.99 -15.29 28.00
C ILE A 381 4.79 -16.14 28.41
N PRO A 382 4.32 -17.05 27.54
CA PRO A 382 3.11 -17.81 27.86
C PRO A 382 3.32 -19.08 28.66
N LYS A 383 2.22 -19.59 29.21
CA LYS A 383 2.17 -20.84 29.96
C LYS A 383 1.61 -21.92 29.03
N ALA A 384 0.55 -21.58 28.28
CA ALA A 384 -0.06 -22.47 27.29
C ALA A 384 0.43 -22.09 25.86
N PHE A 385 0.15 -22.94 24.86
CA PHE A 385 0.55 -22.62 23.49
C PHE A 385 -0.34 -21.53 22.93
N VAL A 386 0.30 -20.42 22.51
CA VAL A 386 -0.35 -19.26 21.94
C VAL A 386 -0.39 -19.32 20.39
N GLY A 387 0.77 -19.38 19.74
CA GLY A 387 0.85 -19.38 18.28
C GLY A 387 0.86 -17.97 17.72
N ASN A 388 1.43 -17.02 18.46
CA ASN A 388 1.48 -15.63 18.06
C ASN A 388 2.12 -15.39 16.68
N GLN A 389 3.11 -16.19 16.27
CA GLN A 389 3.73 -16.00 14.96
C GLN A 389 3.01 -16.74 13.84
N LEU A 390 1.96 -17.46 14.22
CA LEU A 390 1.13 -18.32 13.34
C LEU A 390 0.62 -17.53 12.13
N PRO A 391 -0.03 -16.37 12.32
CA PRO A 391 -0.57 -15.62 11.21
C PRO A 391 0.51 -15.16 10.22
N PHE A 392 1.70 -14.82 10.73
CA PHE A 392 2.80 -14.33 9.86
C PHE A 392 3.51 -15.47 9.15
N VAL A 393 2.91 -16.66 9.08
CA VAL A 393 3.59 -17.74 8.35
C VAL A 393 3.30 -17.61 6.85
N GLY A 394 4.34 -17.42 6.06
CA GLY A 394 4.19 -17.27 4.61
C GLY A 394 4.41 -15.87 4.11
N PHE A 395 4.80 -14.95 5.01
CA PHE A 395 5.05 -13.56 4.69
C PHE A 395 6.39 -13.36 3.98
N THR A 396 7.38 -14.22 4.24
CA THR A 396 8.69 -14.05 3.62
C THR A 396 8.61 -14.25 2.08
N TYR A 397 9.21 -13.28 1.38
CA TYR A 397 9.32 -13.18 -0.05
C TYR A 397 10.71 -12.66 -0.39
N TYR A 398 11.36 -13.29 -1.35
CA TYR A 398 12.66 -12.88 -1.85
C TYR A 398 12.52 -12.82 -3.37
N SER A 399 12.87 -11.69 -3.99
CA SER A 399 12.78 -11.60 -5.46
C SER A 399 13.99 -12.27 -6.14
N ASN A 400 14.53 -13.35 -5.48
CA ASN A 400 15.68 -14.22 -5.77
C ASN A 400 16.84 -13.45 -6.40
#